data_5DT1
#
_entry.id   5DT1
#
_cell.length_a   77.016
_cell.length_b   77.027
_cell.length_c   85.227
_cell.angle_alpha   90.000
_cell.angle_beta   90.000
_cell.angle_gamma   90.000
#
_symmetry.space_group_name_H-M   'P 21 2 21'
#
loop_
_entity.id
_entity.type
_entity.pdbx_description
1 polymer 'Fab Heavy chain of broadly neutralizing antibody VRC26.25'
2 polymer 'Fab Light chain of broadly neutralizing antibody VRC26.25'
3 branched beta-D-mannopyranose-(1-4)-2-acetamido-2-deoxy-beta-D-glucopyranose-(1-4)-2-acetamido-2-deoxy-beta-D-glucopyranose
4 water water
#
loop_
_entity_poly.entity_id
_entity_poly.type
_entity_poly.pdbx_seq_one_letter_code
_entity_poly.pdbx_strand_id
1 'polypeptide(L)'
;QVQLVESGGGVVQPGTSLRLSCAASQFRFDGYGMHWVRQAPGKGLEWVASISHDGIKKYHAEKVWGRFTISRDNSKNTLY
LQMNSLRPEDTALYYCAKDLREDECEEWWSD(TYS)(TYS)DFGKQLPCAKSRGGLVGIADNWGQGTMVTVSSASTKGPS
VFPLAPSSKSTSGGTAALGCLVKDYFPEPVTVSWNSGALTSGVHTFPAVLQSSGLYSLSSVVTVPSSSLGTQTYICNVNH
KPSNTKVDKRVEPKSCDKGLEVLFQ
;
H
2 'polypeptide(L)'
;QSVLTQPPSVSAAPGQKVTISCSGNTSNIGNNFVSWYQQRPGRAPQLLIYETDKRPSGIPDRFSASKSGTSGTLAITGLQ
TGDEADYYCATWAASLSSARVFGTGTKVIVLVQPKANPTVTLFPPSSEELQANKATLVCLISDFYPGAVTVAWKADSSPV
KAGVETTTPSKQSNNKYAASSYLSLTPEQWKSHRSYSCQVTHEGSTVEKTVAPTECS
;
L
#
# COMPACT_ATOMS: atom_id res chain seq x y z
N VAL A 2 -7.07 25.82 1.70
CA VAL A 2 -6.53 25.24 0.48
C VAL A 2 -7.33 24.00 0.16
N GLN A 3 -7.60 23.78 -1.12
CA GLN A 3 -8.44 22.68 -1.58
C GLN A 3 -7.89 22.20 -2.91
N LEU A 4 -7.73 20.89 -3.03
CA LEU A 4 -7.28 20.24 -4.25
C LEU A 4 -8.23 19.06 -4.52
N VAL A 5 -8.74 18.98 -5.75
CA VAL A 5 -9.72 17.97 -6.11
C VAL A 5 -9.25 17.33 -7.40
N GLU A 6 -8.83 16.07 -7.32
CA GLU A 6 -8.39 15.31 -8.47
C GLU A 6 -9.60 14.67 -9.15
N SER A 7 -9.47 14.46 -10.46
CA SER A 7 -10.48 13.74 -11.22
C SER A 7 -9.81 13.01 -12.38
N GLY A 8 -10.59 12.17 -13.04
CA GLY A 8 -10.18 11.50 -14.25
C GLY A 8 -9.86 10.03 -14.09
N GLY A 9 -9.76 9.52 -12.85
CA GLY A 9 -9.40 8.14 -12.64
C GLY A 9 -10.48 7.17 -13.07
N GLY A 10 -10.11 5.89 -13.09
CA GLY A 10 -11.05 4.85 -13.42
C GLY A 10 -10.30 3.57 -13.76
N VAL A 11 -11.04 2.61 -14.29
CA VAL A 11 -10.47 1.35 -14.72
C VAL A 11 -10.12 1.45 -16.20
N VAL A 12 -8.88 1.13 -16.55
CA VAL A 12 -8.44 1.24 -17.95
C VAL A 12 -7.50 0.09 -18.30
N GLN A 13 -7.50 -0.28 -19.58
CA GLN A 13 -6.75 -1.44 -20.01
C GLN A 13 -5.28 -1.08 -20.26
N PRO A 14 -4.37 -2.04 -20.08
CA PRO A 14 -2.97 -1.77 -20.37
C PRO A 14 -2.79 -1.30 -21.80
N GLY A 15 -1.83 -0.39 -21.97
CA GLY A 15 -1.50 0.13 -23.27
C GLY A 15 -2.28 1.35 -23.67
N THR A 16 -3.31 1.72 -22.91
CA THR A 16 -4.12 2.87 -23.29
C THR A 16 -3.56 4.12 -22.63
N SER A 17 -4.26 5.24 -22.84
CA SER A 17 -3.87 6.52 -22.30
C SER A 17 -5.03 7.11 -21.50
N LEU A 18 -4.66 7.99 -20.57
CA LEU A 18 -5.60 8.62 -19.65
C LEU A 18 -4.98 9.92 -19.15
N ARG A 19 -5.79 10.96 -19.03
CA ARG A 19 -5.36 12.24 -18.49
C ARG A 19 -6.07 12.47 -17.17
N LEU A 20 -5.29 12.66 -16.11
CA LEU A 20 -5.81 13.08 -14.82
C LEU A 20 -5.79 14.59 -14.74
N SER A 21 -6.75 15.15 -13.97
CA SER A 21 -6.83 16.57 -13.69
C SER A 21 -6.90 16.81 -12.19
N CYS A 22 -6.52 18.03 -11.77
CA CYS A 22 -6.60 18.47 -10.38
C CYS A 22 -6.95 19.94 -10.34
N ALA A 23 -8.05 20.30 -9.68
CA ALA A 23 -8.52 21.67 -9.60
C ALA A 23 -8.17 22.27 -8.24
N ALA A 24 -7.54 23.44 -8.27
CA ALA A 24 -7.08 24.13 -7.07
C ALA A 24 -8.06 25.24 -6.71
N SER A 25 -8.23 25.45 -5.41
CA SER A 25 -9.11 26.48 -4.89
C SER A 25 -8.53 27.02 -3.58
N GLN A 26 -8.78 28.31 -3.34
CA GLN A 26 -8.52 28.98 -2.06
C GLN A 26 -7.05 29.33 -1.84
N PHE A 27 -6.20 29.24 -2.87
CA PHE A 27 -4.87 29.81 -2.82
C PHE A 27 -4.52 30.31 -4.21
N ARG A 28 -3.43 31.07 -4.32
CA ARG A 28 -3.04 31.64 -5.61
C ARG A 28 -2.26 30.59 -6.39
N PHE A 29 -3.00 29.85 -7.22
CA PHE A 29 -2.48 28.66 -7.89
C PHE A 29 -1.18 28.97 -8.65
N ASP A 30 -1.16 30.08 -9.38
CA ASP A 30 -0.04 30.39 -10.26
C ASP A 30 1.19 30.89 -9.51
N GLY A 31 1.14 30.95 -8.18
CA GLY A 31 2.31 31.24 -7.39
C GLY A 31 3.05 30.04 -6.83
N TYR A 32 2.55 28.81 -7.03
CA TYR A 32 3.14 27.62 -6.43
C TYR A 32 3.38 26.53 -7.46
N GLY A 33 4.52 25.87 -7.32
CA GLY A 33 4.76 24.61 -7.97
C GLY A 33 3.77 23.56 -7.49
N MET A 34 3.67 22.46 -8.24
CA MET A 34 2.71 21.40 -7.94
C MET A 34 3.35 20.04 -8.19
N HIS A 35 2.82 19.00 -7.53
CA HIS A 35 3.33 17.65 -7.64
C HIS A 35 2.20 16.66 -7.92
N TRP A 36 2.56 15.55 -8.58
CA TRP A 36 1.77 14.32 -8.55
C TRP A 36 2.54 13.26 -7.79
N VAL A 37 1.85 12.57 -6.88
CA VAL A 37 2.41 11.50 -6.08
C VAL A 37 1.42 10.34 -6.13
N ARG A 38 1.90 9.11 -6.21
CA ARG A 38 0.98 7.98 -6.29
C ARG A 38 1.29 6.97 -5.20
N GLN A 39 0.28 6.17 -4.91
CA GLN A 39 0.34 5.15 -3.87
C GLN A 39 -0.40 3.92 -4.38
N ALA A 40 0.34 2.88 -4.72
CA ALA A 40 -0.31 1.63 -5.08
C ALA A 40 -1.00 1.06 -3.85
N PRO A 41 -2.10 0.32 -4.03
CA PRO A 41 -2.89 -0.11 -2.85
C PRO A 41 -2.05 -0.89 -1.86
N GLY A 42 -2.10 -0.45 -0.60
CA GLY A 42 -1.32 -1.06 0.47
C GLY A 42 0.17 -0.81 0.45
N LYS A 43 0.67 0.03 -0.46
CA LYS A 43 2.10 0.26 -0.61
C LYS A 43 2.43 1.71 -0.24
N GLY A 44 3.68 2.11 -0.54
CA GLY A 44 4.18 3.39 -0.10
C GLY A 44 3.96 4.50 -1.11
N LEU A 45 4.29 5.72 -0.67
CA LEU A 45 4.22 6.89 -1.53
C LEU A 45 5.38 6.89 -2.54
N GLU A 46 5.12 7.45 -3.71
CA GLU A 46 6.11 7.51 -4.78
C GLU A 46 5.93 8.79 -5.58
N TRP A 47 6.99 9.57 -5.73
CA TRP A 47 6.92 10.74 -6.60
C TRP A 47 6.65 10.30 -8.04
N VAL A 48 5.81 11.06 -8.73
CA VAL A 48 5.51 10.83 -10.14
C VAL A 48 6.01 11.97 -11.02
N ALA A 49 5.61 13.20 -10.70
CA ALA A 49 6.01 14.36 -11.49
C ALA A 49 5.89 15.64 -10.67
N SER A 50 6.63 16.67 -11.06
CA SER A 50 6.60 17.99 -10.42
C SER A 50 6.71 19.07 -11.47
N ILE A 51 6.13 20.25 -11.21
CA ILE A 51 6.14 21.33 -12.20
C ILE A 51 6.23 22.68 -11.50
N SER A 52 7.01 23.60 -12.08
CA SER A 52 7.18 24.93 -11.50
C SER A 52 5.88 25.74 -11.62
N HIS A 53 5.80 26.82 -10.83
CA HIS A 53 4.57 27.61 -10.77
C HIS A 53 4.13 28.11 -12.14
N ASP A 54 5.07 28.37 -13.03
CA ASP A 54 4.79 28.95 -14.34
C ASP A 54 4.70 27.91 -15.44
N GLY A 55 4.87 26.63 -15.11
CA GLY A 55 4.71 25.56 -16.07
C GLY A 55 5.93 25.31 -16.93
N ILE A 56 7.04 25.97 -16.67
CA ILE A 56 8.22 25.89 -17.53
C ILE A 56 9.11 24.71 -17.15
N LYS A 57 9.37 24.52 -15.87
CA LYS A 57 10.29 23.47 -15.44
C LYS A 57 9.48 22.25 -15.01
N LYS A 58 9.86 21.09 -15.52
CA LYS A 58 9.13 19.85 -15.28
C LYS A 58 10.10 18.78 -14.87
N TYR A 59 9.65 17.89 -13.97
CA TYR A 59 10.48 16.80 -13.47
C TYR A 59 9.64 15.54 -13.35
N HIS A 60 10.17 14.40 -13.82
CA HIS A 60 9.43 13.16 -13.86
C HIS A 60 10.23 12.01 -13.26
N ALA A 61 9.53 11.08 -12.63
CA ALA A 61 10.15 9.94 -12.01
C ALA A 61 10.57 8.92 -13.06
N GLU A 62 11.68 8.23 -12.77
CA GLU A 62 12.27 7.32 -13.74
C GLU A 62 11.28 6.27 -14.24
N LYS A 63 10.38 5.80 -13.38
CA LYS A 63 9.45 4.76 -13.80
C LYS A 63 8.46 5.24 -14.87
N VAL A 64 8.33 6.55 -15.09
CA VAL A 64 7.34 7.07 -16.04
C VAL A 64 7.96 7.91 -17.14
N TRP A 65 9.30 7.95 -17.23
CA TRP A 65 9.95 8.77 -18.24
C TRP A 65 9.44 8.41 -19.62
N GLY A 66 9.16 9.42 -20.44
CA GLY A 66 8.70 9.17 -21.78
C GLY A 66 7.27 8.72 -21.92
N ARG A 67 6.60 8.36 -20.82
CA ARG A 67 5.20 7.93 -20.85
C ARG A 67 4.25 8.93 -20.20
N PHE A 68 4.60 9.51 -19.05
CA PHE A 68 3.76 10.49 -18.38
C PHE A 68 4.30 11.90 -18.58
N THR A 69 3.41 12.89 -18.65
CA THR A 69 3.78 14.30 -18.82
C THR A 69 2.89 15.15 -17.95
N ILE A 70 3.50 15.90 -17.03
CA ILE A 70 2.79 16.87 -16.20
C ILE A 70 2.68 18.18 -16.97
N SER A 71 1.57 18.90 -16.75
CA SER A 71 1.36 20.21 -17.33
C SER A 71 0.34 20.96 -16.47
N ARG A 72 0.16 22.25 -16.74
CA ARG A 72 -0.79 23.03 -15.96
C ARG A 72 -1.38 24.13 -16.83
N ASP A 73 -2.55 24.62 -16.42
CA ASP A 73 -3.23 25.71 -17.10
C ASP A 73 -3.62 26.72 -16.02
N ASN A 74 -2.78 27.74 -15.89
CA ASN A 74 -2.96 28.76 -14.89
C ASN A 74 -4.14 29.69 -15.16
N SER A 75 -4.77 29.62 -16.34
CA SER A 75 -6.00 30.37 -16.53
C SER A 75 -7.22 29.64 -15.97
N LYS A 76 -7.05 28.38 -15.55
CA LYS A 76 -8.13 27.49 -15.11
C LYS A 76 -7.90 26.85 -13.75
N ASN A 77 -6.83 27.22 -13.05
CA ASN A 77 -6.49 26.60 -11.76
C ASN A 77 -6.40 25.07 -11.87
N THR A 78 -5.88 24.57 -12.99
CA THR A 78 -5.87 23.12 -13.24
C THR A 78 -4.46 22.59 -13.49
N LEU A 79 -4.18 21.44 -12.88
CA LEU A 79 -2.99 20.64 -13.11
C LEU A 79 -3.39 19.35 -13.83
N TYR A 80 -2.58 18.92 -14.78
CA TYR A 80 -2.84 17.73 -15.58
C TYR A 80 -1.70 16.73 -15.45
N LEU A 81 -2.05 15.45 -15.62
CA LEU A 81 -1.09 14.37 -15.78
C LEU A 81 -1.57 13.55 -16.95
N GLN A 82 -0.82 13.61 -18.06
CA GLN A 82 -1.09 12.81 -19.24
C GLN A 82 -0.34 11.50 -19.12
N MET A 83 -1.06 10.39 -19.12
CA MET A 83 -0.52 9.05 -18.89
C MET A 83 -0.71 8.22 -20.15
N ASN A 84 0.39 7.95 -20.85
CA ASN A 84 0.36 7.14 -22.06
C ASN A 84 0.95 5.78 -21.77
N SER A 85 0.65 4.82 -22.65
CA SER A 85 1.18 3.47 -22.61
C SER A 85 1.12 2.89 -21.19
N LEU A 86 -0.09 2.91 -20.63
CA LEU A 86 -0.28 2.51 -19.24
C LEU A 86 0.08 1.04 -19.05
N ARG A 87 0.66 0.75 -17.88
CA ARG A 87 1.09 -0.58 -17.50
C ARG A 87 0.40 -1.00 -16.19
N PRO A 88 0.28 -2.30 -15.93
CA PRO A 88 -0.39 -2.75 -14.69
C PRO A 88 0.27 -2.19 -13.43
N GLU A 89 1.59 -2.00 -13.44
CA GLU A 89 2.30 -1.44 -12.29
C GLU A 89 2.09 0.08 -12.14
N ASP A 90 1.32 0.73 -13.01
CA ASP A 90 0.87 2.10 -12.79
C ASP A 90 -0.41 2.17 -11.96
N THR A 91 -1.01 1.03 -11.62
CA THR A 91 -2.18 1.03 -10.76
C THR A 91 -1.84 1.67 -9.41
N ALA A 92 -2.65 2.64 -8.98
CA ALA A 92 -2.37 3.41 -7.78
C ALA A 92 -3.42 4.49 -7.58
N LEU A 93 -3.51 4.98 -6.36
CA LEU A 93 -4.18 6.24 -6.06
C LEU A 93 -3.24 7.40 -6.39
N TYR A 94 -3.69 8.31 -7.25
CA TYR A 94 -2.85 9.42 -7.70
C TYR A 94 -3.23 10.68 -6.94
N TYR A 95 -2.28 11.21 -6.17
CA TYR A 95 -2.46 12.43 -5.39
C TYR A 95 -1.92 13.65 -6.11
N CYS A 96 -2.68 14.73 -6.07
CA CYS A 96 -2.22 16.07 -6.43
C CYS A 96 -1.75 16.77 -5.16
N ALA A 97 -0.62 17.47 -5.22
CA ALA A 97 -0.12 18.15 -4.03
C ALA A 97 0.50 19.50 -4.36
N LYS A 98 0.27 20.47 -3.47
CA LYS A 98 0.82 21.81 -3.61
C LYS A 98 2.23 21.89 -3.04
N ASP A 99 3.11 22.57 -3.76
CA ASP A 99 4.47 22.82 -3.26
C ASP A 99 4.45 24.01 -2.31
N LEU A 100 5.36 23.97 -1.34
CA LEU A 100 5.32 24.92 -0.24
C LEU A 100 5.71 26.34 -0.66
N ARG A 101 6.70 26.48 -1.55
CA ARG A 101 7.37 27.76 -1.74
C ARG A 101 6.63 28.64 -2.75
N GLU A 102 6.16 29.79 -2.30
CA GLU A 102 5.50 30.73 -3.20
C GLU A 102 6.50 31.46 -4.08
N ASP A 103 6.10 31.72 -5.32
CA ASP A 103 6.77 32.71 -6.16
C ASP A 103 6.40 34.07 -5.57
N GLU A 104 7.12 34.46 -4.51
CA GLU A 104 6.68 35.56 -3.65
C GLU A 104 7.19 36.89 -4.18
N CYS A 105 6.29 37.85 -4.30
CA CYS A 105 6.69 39.17 -4.77
C CYS A 105 7.63 39.83 -3.77
N GLU A 106 8.72 40.41 -4.28
CA GLU A 106 9.66 41.14 -3.42
C GLU A 106 9.60 42.65 -3.61
N GLU A 107 9.05 43.15 -4.71
CA GLU A 107 8.83 44.58 -4.90
C GLU A 107 7.52 44.77 -5.65
N TRP A 108 6.62 45.59 -5.11
CA TRP A 108 5.39 45.90 -5.81
C TRP A 108 4.96 47.32 -5.50
N TRP A 109 4.42 47.99 -6.51
CA TRP A 109 3.83 49.30 -6.35
C TRP A 109 2.33 49.17 -6.09
N SER A 110 1.73 50.27 -5.65
CA SER A 110 0.31 50.32 -5.36
C SER A 110 -0.32 51.54 -6.01
N ASP A 111 -1.61 51.43 -6.32
CA ASP A 111 -2.44 52.59 -6.65
C ASP A 111 -2.24 53.61 -5.54
N ASP A 114 -5.59 54.67 -3.81
CA ASP A 114 -6.32 53.48 -3.44
C ASP A 114 -5.34 52.34 -3.16
N PHE A 115 -4.54 52.46 -2.11
CA PHE A 115 -3.38 51.58 -1.97
C PHE A 115 -3.72 50.22 -1.37
N GLY A 116 -4.99 49.89 -1.23
CA GLY A 116 -5.36 48.49 -1.09
C GLY A 116 -5.24 47.71 -2.39
N LYS A 117 -5.08 48.39 -3.52
CA LYS A 117 -4.95 47.74 -4.81
C LYS A 117 -3.47 47.68 -5.18
N GLN A 118 -2.91 46.47 -5.14
CA GLN A 118 -1.53 46.24 -5.54
C GLN A 118 -1.44 46.05 -7.05
N LEU A 119 -0.38 46.56 -7.64
CA LEU A 119 -0.19 46.51 -9.07
C LEU A 119 0.60 45.26 -9.45
N PRO A 120 0.60 44.87 -10.72
CA PRO A 120 1.28 43.64 -11.11
C PRO A 120 2.71 43.58 -10.56
N CYS A 121 3.05 42.45 -9.95
CA CYS A 121 4.33 42.29 -9.28
C CYS A 121 5.49 42.65 -10.20
N ALA A 122 6.40 43.48 -9.70
CA ALA A 122 7.57 43.89 -10.47
C ALA A 122 8.70 42.86 -10.39
N LYS A 123 8.95 42.32 -9.19
CA LYS A 123 10.03 41.36 -8.99
C LYS A 123 9.55 40.27 -8.03
N SER A 124 9.92 39.03 -8.31
CA SER A 124 9.57 37.93 -7.44
C SER A 124 10.67 36.88 -7.48
N ARG A 125 10.64 35.99 -6.50
CA ARG A 125 11.51 34.84 -6.57
C ARG A 125 10.93 33.72 -5.72
N GLY A 126 11.44 32.53 -5.96
CA GLY A 126 10.89 31.31 -5.39
C GLY A 126 10.64 30.32 -6.51
N GLY A 127 11.20 29.13 -6.40
CA GLY A 127 10.95 28.06 -7.34
C GLY A 127 10.53 26.83 -6.58
N LEU A 128 10.58 25.67 -7.24
CA LEU A 128 10.23 24.41 -6.60
C LEU A 128 11.20 24.10 -5.48
N VAL A 129 10.67 23.72 -4.32
CA VAL A 129 11.52 23.21 -3.24
C VAL A 129 11.24 21.76 -2.90
N GLY A 130 10.18 21.16 -3.43
CA GLY A 130 9.95 19.75 -3.22
C GLY A 130 9.42 19.41 -1.84
N ILE A 131 8.53 20.25 -1.32
CA ILE A 131 7.88 20.07 -0.04
C ILE A 131 6.38 20.15 -0.32
N ALA A 132 5.65 19.08 -0.05
CA ALA A 132 4.24 18.99 -0.43
C ALA A 132 3.39 19.38 0.79
N ASP A 133 2.95 20.64 0.85
CA ASP A 133 2.32 21.13 2.06
C ASP A 133 0.79 20.93 2.11
N ASN A 134 0.16 20.64 0.98
CA ASN A 134 -1.28 20.39 0.94
C ASN A 134 -1.57 19.31 -0.08
N TRP A 135 -2.40 18.34 0.27
CA TRP A 135 -2.68 17.19 -0.59
C TRP A 135 -4.17 17.04 -0.85
N GLY A 136 -4.54 16.60 -2.05
CA GLY A 136 -5.90 16.19 -2.31
C GLY A 136 -6.16 14.78 -1.79
N GLN A 137 -7.41 14.34 -1.92
CA GLN A 137 -7.81 13.00 -1.52
C GLN A 137 -7.43 11.94 -2.54
N GLY A 138 -7.10 12.34 -3.75
CA GLY A 138 -6.59 11.44 -4.75
C GLY A 138 -7.68 10.84 -5.63
N THR A 139 -7.27 10.35 -6.79
CA THR A 139 -8.17 9.69 -7.74
C THR A 139 -7.54 8.35 -8.11
N MET A 140 -8.35 7.29 -8.11
CA MET A 140 -7.86 5.92 -8.28
C MET A 140 -7.75 5.55 -9.77
N VAL A 141 -6.61 4.97 -10.16
CA VAL A 141 -6.37 4.48 -11.50
C VAL A 141 -6.07 2.99 -11.40
N THR A 142 -6.92 2.15 -12.00
CA THR A 142 -6.73 0.70 -12.01
C THR A 142 -6.46 0.26 -13.44
N VAL A 143 -5.26 -0.26 -13.69
CA VAL A 143 -4.87 -0.68 -15.03
C VAL A 143 -5.08 -2.20 -15.10
N SER A 144 -6.06 -2.65 -15.89
CA SER A 144 -6.26 -4.07 -16.05
C SER A 144 -7.14 -4.36 -17.26
N SER A 145 -6.92 -5.54 -17.83
CA SER A 145 -7.70 -6.04 -18.96
C SER A 145 -9.08 -6.50 -18.54
N ALA A 146 -9.39 -6.47 -17.25
CA ALA A 146 -10.52 -7.19 -16.71
C ALA A 146 -11.84 -6.55 -17.05
N SER A 147 -12.79 -7.38 -17.43
CA SER A 147 -14.21 -7.06 -17.44
C SER A 147 -14.88 -7.73 -16.26
N THR A 148 -16.11 -7.30 -15.95
CA THR A 148 -16.82 -7.92 -14.84
C THR A 148 -16.66 -9.43 -14.94
N LYS A 149 -16.19 -10.04 -13.86
CA LYS A 149 -15.85 -11.45 -13.88
C LYS A 149 -16.10 -12.04 -12.50
N GLY A 150 -16.91 -13.09 -12.46
CA GLY A 150 -17.14 -13.84 -11.26
C GLY A 150 -15.94 -14.73 -10.98
N PRO A 151 -15.83 -15.23 -9.76
CA PRO A 151 -14.58 -15.88 -9.35
C PRO A 151 -14.50 -17.31 -9.83
N SER A 152 -13.27 -17.83 -9.85
CA SER A 152 -13.00 -19.25 -9.79
C SER A 152 -12.72 -19.59 -8.33
N VAL A 153 -13.17 -20.75 -7.87
CA VAL A 153 -12.99 -21.16 -6.49
C VAL A 153 -12.20 -22.46 -6.47
N PHE A 154 -11.16 -22.49 -5.65
CA PHE A 154 -10.37 -23.68 -5.51
C PHE A 154 -10.38 -24.13 -4.05
N PRO A 155 -10.45 -25.43 -3.80
CA PRO A 155 -10.48 -25.90 -2.42
C PRO A 155 -9.11 -25.85 -1.81
N LEU A 156 -9.06 -25.49 -0.54
CA LEU A 156 -7.83 -25.57 0.25
C LEU A 156 -8.02 -26.75 1.20
N ALA A 157 -7.54 -27.90 0.77
CA ALA A 157 -7.95 -29.16 1.39
C ALA A 157 -7.29 -29.35 2.75
N PRO A 158 -8.00 -29.97 3.70
CA PRO A 158 -7.35 -30.32 4.97
C PRO A 158 -6.38 -31.46 4.76
N SER A 159 -5.26 -31.41 5.47
CA SER A 159 -4.22 -32.42 5.34
C SER A 159 -3.61 -32.68 6.71
N SER A 160 -2.63 -33.60 6.75
CA SER A 160 -1.85 -33.78 7.97
C SER A 160 -1.04 -32.53 8.32
N LYS A 161 -0.76 -31.67 7.34
CA LYS A 161 0.02 -30.46 7.58
C LYS A 161 -0.84 -29.24 7.93
N SER A 162 -2.16 -29.34 7.80
CA SER A 162 -3.05 -28.31 8.30
C SER A 162 -3.76 -28.74 9.59
N THR A 163 -3.35 -29.85 10.18
CA THR A 163 -3.90 -30.34 11.45
C THR A 163 -2.89 -30.13 12.57
N SER A 164 -3.40 -29.66 13.71
CA SER A 164 -2.63 -29.59 14.96
C SER A 164 -3.61 -30.07 16.04
N GLY A 165 -3.54 -31.36 16.36
CA GLY A 165 -4.51 -31.96 17.25
C GLY A 165 -5.17 -33.17 16.60
N GLY A 166 -6.50 -33.32 16.64
CA GLY A 166 -7.44 -32.39 17.25
C GLY A 166 -8.21 -31.58 16.22
N THR A 167 -7.62 -30.48 15.75
CA THR A 167 -8.28 -29.58 14.84
C THR A 167 -7.59 -29.61 13.48
N ALA A 168 -8.41 -29.49 12.43
CA ALA A 168 -7.95 -29.39 11.06
C ALA A 168 -8.42 -28.07 10.48
N ALA A 169 -7.60 -27.48 9.60
CA ALA A 169 -7.98 -26.28 8.88
C ALA A 169 -8.20 -26.60 7.40
N LEU A 170 -9.26 -26.03 6.84
CA LEU A 170 -9.58 -26.18 5.43
C LEU A 170 -10.16 -24.86 4.97
N GLY A 171 -10.25 -24.67 3.65
CA GLY A 171 -10.69 -23.38 3.17
C GLY A 171 -11.04 -23.38 1.70
N CYS A 172 -11.27 -22.18 1.18
CA CYS A 172 -11.38 -22.02 -0.26
C CYS A 172 -10.70 -20.73 -0.68
N LEU A 173 -10.05 -20.83 -1.84
CA LEU A 173 -9.36 -19.73 -2.50
C LEU A 173 -10.30 -19.20 -3.57
N VAL A 174 -10.69 -17.94 -3.42
CA VAL A 174 -11.64 -17.27 -4.30
C VAL A 174 -10.80 -16.40 -5.23
N LYS A 175 -10.60 -16.88 -6.45
CA LYS A 175 -9.56 -16.34 -7.32
C LYS A 175 -10.13 -15.62 -8.53
N ASP A 176 -9.52 -14.49 -8.87
CA ASP A 176 -9.64 -13.85 -10.18
C ASP A 176 -11.03 -13.32 -10.45
N TYR A 177 -11.55 -12.46 -9.58
CA TYR A 177 -12.83 -11.83 -9.80
C TYR A 177 -12.66 -10.32 -9.90
N PHE A 178 -13.68 -9.68 -10.45
CA PHE A 178 -13.66 -8.23 -10.61
C PHE A 178 -15.06 -7.69 -10.87
N PRO A 179 -15.44 -6.58 -10.22
CA PRO A 179 -14.76 -5.87 -9.14
C PRO A 179 -15.09 -6.46 -7.77
N GLU A 180 -14.66 -5.80 -6.71
CA GLU A 180 -15.09 -6.17 -5.38
C GLU A 180 -16.57 -5.88 -5.25
N PRO A 181 -17.26 -6.51 -4.28
CA PRO A 181 -16.80 -7.52 -3.33
C PRO A 181 -17.39 -8.90 -3.59
N VAL A 182 -16.87 -9.92 -2.91
CA VAL A 182 -17.52 -11.22 -2.79
C VAL A 182 -17.82 -11.43 -1.31
N THR A 183 -18.82 -12.26 -1.03
CA THR A 183 -19.07 -12.74 0.31
C THR A 183 -18.96 -14.25 0.32
N VAL A 184 -18.57 -14.80 1.45
CA VAL A 184 -18.31 -16.24 1.59
C VAL A 184 -19.04 -16.75 2.82
N SER A 185 -19.68 -17.91 2.69
CA SER A 185 -20.20 -18.62 3.84
C SER A 185 -19.86 -20.09 3.69
N TRP A 186 -20.19 -20.86 4.72
CA TRP A 186 -19.89 -22.29 4.75
C TRP A 186 -21.15 -23.08 5.09
N ASN A 187 -21.36 -24.16 4.37
CA ASN A 187 -22.51 -25.04 4.58
C ASN A 187 -23.79 -24.23 4.60
N SER A 188 -23.89 -23.28 3.65
CA SER A 188 -25.06 -22.42 3.46
C SER A 188 -25.36 -21.60 4.71
N GLY A 189 -24.33 -21.23 5.47
CA GLY A 189 -24.51 -20.45 6.68
C GLY A 189 -24.64 -21.25 7.96
N ALA A 190 -24.72 -22.59 7.87
CA ALA A 190 -24.88 -23.41 9.06
C ALA A 190 -23.57 -23.58 9.83
N LEU A 191 -22.44 -23.30 9.21
CA LEU A 191 -21.13 -23.37 9.85
C LEU A 191 -20.59 -21.95 9.98
N THR A 192 -20.48 -21.46 11.21
CA THR A 192 -19.98 -20.12 11.47
C THR A 192 -18.89 -20.13 12.52
N SER A 193 -18.88 -21.13 13.40
CA SER A 193 -17.84 -21.21 14.41
C SER A 193 -16.52 -21.60 13.77
N GLY A 194 -15.47 -20.85 14.07
CA GLY A 194 -14.15 -21.13 13.55
C GLY A 194 -13.91 -20.70 12.13
N VAL A 195 -14.76 -19.84 11.58
CA VAL A 195 -14.61 -19.34 10.21
C VAL A 195 -13.88 -18.00 10.25
N HIS A 196 -12.95 -17.82 9.32
CA HIS A 196 -12.31 -16.53 9.10
C HIS A 196 -12.17 -16.29 7.60
N THR A 197 -12.72 -15.18 7.13
CA THR A 197 -12.63 -14.78 5.73
C THR A 197 -11.75 -13.54 5.64
N PHE A 198 -10.69 -13.59 4.77
CA PHE A 198 -9.68 -12.55 4.79
C PHE A 198 -9.98 -11.47 3.74
N PRO A 199 -9.50 -10.25 3.94
CA PRO A 199 -9.66 -9.24 2.89
C PRO A 199 -8.90 -9.60 1.64
N ALA A 200 -9.37 -9.09 0.51
CA ALA A 200 -8.84 -9.44 -0.79
C ALA A 200 -7.49 -8.79 -1.05
N VAL A 201 -6.74 -9.39 -1.96
CA VAL A 201 -5.55 -8.79 -2.53
C VAL A 201 -5.87 -8.44 -3.98
N LEU A 202 -5.44 -7.27 -4.41
CA LEU A 202 -5.53 -6.91 -5.83
C LEU A 202 -4.25 -7.39 -6.48
N GLN A 203 -4.37 -8.34 -7.40
CA GLN A 203 -3.19 -8.92 -8.01
C GLN A 203 -2.70 -8.06 -9.17
N SER A 204 -1.43 -8.27 -9.53
CA SER A 204 -0.86 -7.48 -10.62
C SER A 204 -1.64 -7.66 -11.92
N SER A 205 -2.29 -8.81 -12.09
CA SER A 205 -3.20 -9.01 -13.22
C SER A 205 -4.43 -8.10 -13.18
N GLY A 206 -4.59 -7.32 -12.12
CA GLY A 206 -5.75 -6.47 -11.98
C GLY A 206 -7.03 -7.20 -11.65
N LEU A 207 -6.93 -8.42 -11.12
CA LEU A 207 -8.07 -9.14 -10.57
C LEU A 207 -7.84 -9.39 -9.09
N TYR A 208 -8.95 -9.55 -8.36
CA TYR A 208 -8.91 -9.75 -6.92
C TYR A 208 -8.88 -11.23 -6.57
N SER A 209 -8.28 -11.53 -5.41
CA SER A 209 -8.36 -12.86 -4.81
C SER A 209 -8.48 -12.70 -3.30
N LEU A 210 -9.25 -13.60 -2.68
CA LEU A 210 -9.29 -13.71 -1.24
C LEU A 210 -9.43 -15.17 -0.86
N SER A 211 -9.26 -15.45 0.43
CA SER A 211 -9.41 -16.77 0.99
C SER A 211 -10.30 -16.74 2.23
N SER A 212 -10.92 -17.88 2.49
CA SER A 212 -11.70 -18.11 3.68
C SER A 212 -11.28 -19.46 4.23
N VAL A 213 -11.05 -19.53 5.54
CA VAL A 213 -10.55 -20.74 6.18
C VAL A 213 -11.42 -21.03 7.40
N VAL A 214 -11.56 -22.32 7.71
CA VAL A 214 -12.39 -22.75 8.84
C VAL A 214 -11.65 -23.87 9.56
N THR A 215 -11.67 -23.81 10.89
CA THR A 215 -11.06 -24.81 11.76
C THR A 215 -12.14 -25.76 12.25
N VAL A 216 -11.90 -27.07 12.12
CA VAL A 216 -12.90 -28.06 12.51
C VAL A 216 -12.20 -29.25 13.17
N PRO A 217 -12.97 -30.06 13.91
CA PRO A 217 -12.39 -31.28 14.47
C PRO A 217 -11.89 -32.20 13.36
N SER A 218 -10.68 -32.74 13.56
CA SER A 218 -10.14 -33.66 12.56
C SER A 218 -10.90 -34.99 12.55
N SER A 219 -11.57 -35.34 13.65
CA SER A 219 -12.41 -36.53 13.66
C SER A 219 -13.59 -36.40 12.71
N SER A 220 -14.00 -35.17 12.38
CA SER A 220 -15.20 -34.95 11.57
C SER A 220 -14.93 -35.04 10.08
N LEU A 221 -13.67 -35.02 9.66
CA LEU A 221 -13.36 -34.92 8.24
C LEU A 221 -13.95 -36.07 7.43
N GLY A 222 -14.21 -37.21 8.05
CA GLY A 222 -14.75 -38.35 7.33
C GLY A 222 -16.27 -38.35 7.29
N THR A 223 -16.88 -37.68 8.26
CA THR A 223 -18.33 -37.71 8.44
C THR A 223 -19.03 -36.45 7.93
N GLN A 224 -18.40 -35.29 8.06
CA GLN A 224 -19.04 -34.01 7.80
C GLN A 224 -18.63 -33.50 6.42
N THR A 225 -19.62 -33.09 5.63
CA THR A 225 -19.36 -32.42 4.37
C THR A 225 -19.13 -30.94 4.64
N TYR A 226 -18.14 -30.36 3.95
CA TYR A 226 -17.85 -28.93 4.04
C TYR A 226 -17.94 -28.33 2.64
N ILE A 227 -18.75 -27.30 2.50
CA ILE A 227 -18.98 -26.63 1.23
C ILE A 227 -18.87 -25.12 1.46
N CYS A 228 -18.08 -24.45 0.64
CA CYS A 228 -17.97 -23.00 0.76
C CYS A 228 -18.85 -22.31 -0.30
N ASN A 229 -19.66 -21.35 0.14
CA ASN A 229 -20.64 -20.66 -0.72
C ASN A 229 -20.12 -19.26 -1.04
N VAL A 230 -19.98 -18.93 -2.32
CA VAL A 230 -19.34 -17.69 -2.73
C VAL A 230 -20.32 -16.90 -3.59
N ASN A 231 -20.59 -15.67 -3.16
CA ASN A 231 -21.52 -14.77 -3.85
C ASN A 231 -20.75 -13.60 -4.45
N HIS A 232 -21.00 -13.29 -5.71
CA HIS A 232 -20.39 -12.13 -6.38
C HIS A 232 -21.48 -11.31 -7.06
N LYS A 233 -21.95 -10.26 -6.37
CA LYS A 233 -23.11 -9.51 -6.84
C LYS A 233 -22.85 -8.80 -8.17
N PRO A 234 -21.67 -8.23 -8.40
CA PRO A 234 -21.43 -7.56 -9.69
C PRO A 234 -21.70 -8.42 -10.91
N SER A 235 -21.50 -9.73 -10.82
CA SER A 235 -21.75 -10.64 -11.92
C SER A 235 -23.00 -11.49 -11.71
N ASN A 236 -23.71 -11.29 -10.60
CA ASN A 236 -24.89 -12.10 -10.28
C ASN A 236 -24.58 -13.60 -10.33
N THR A 237 -23.49 -13.99 -9.68
CA THR A 237 -23.13 -15.41 -9.63
C THR A 237 -23.04 -15.87 -8.19
N LYS A 238 -23.49 -17.11 -7.99
CA LYS A 238 -23.44 -17.78 -6.70
C LYS A 238 -22.93 -19.18 -6.97
N VAL A 239 -21.81 -19.54 -6.36
CA VAL A 239 -21.17 -20.82 -6.61
C VAL A 239 -20.92 -21.51 -5.29
N ASP A 240 -21.05 -22.83 -5.29
CA ASP A 240 -20.73 -23.69 -4.16
C ASP A 240 -19.60 -24.65 -4.56
N LYS A 241 -18.62 -24.81 -3.68
CA LYS A 241 -17.46 -25.66 -3.91
C LYS A 241 -17.28 -26.64 -2.75
N ARG A 242 -17.26 -27.94 -3.04
CA ARG A 242 -17.03 -28.96 -2.03
C ARG A 242 -15.55 -29.00 -1.67
N VAL A 243 -15.24 -29.04 -0.38
CA VAL A 243 -13.86 -29.10 0.12
C VAL A 243 -13.71 -30.41 0.90
N GLU A 244 -12.89 -31.32 0.41
CA GLU A 244 -12.73 -32.60 1.07
C GLU A 244 -11.26 -32.94 1.17
N PRO A 245 -10.88 -33.87 2.08
CA PRO A 245 -9.49 -34.32 2.11
C PRO A 245 -9.18 -35.05 0.80
N LYS A 246 -7.92 -35.20 0.43
CA LYS A 246 -6.77 -34.98 1.31
C LYS A 246 -6.19 -33.59 1.11
N GLN B 1 14.91 5.11 -9.24
CA GLN B 1 14.38 3.84 -8.65
C GLN B 1 15.16 3.41 -7.41
N SER B 2 15.71 4.39 -6.69
CA SER B 2 16.31 4.14 -5.38
C SER B 2 15.26 4.34 -4.28
N VAL B 3 15.63 4.01 -3.05
CA VAL B 3 14.72 4.13 -1.91
C VAL B 3 15.48 4.57 -0.67
N LEU B 4 14.76 5.23 0.21
CA LEU B 4 15.20 5.48 1.58
C LEU B 4 14.62 4.40 2.47
N THR B 5 15.47 3.63 3.12
CA THR B 5 15.03 2.53 3.96
C THR B 5 14.52 3.02 5.32
N GLN B 6 13.33 2.56 5.69
CA GLN B 6 12.72 2.79 6.99
C GLN B 6 12.33 1.45 7.62
N PRO B 7 12.26 1.37 8.95
CA PRO B 7 11.74 0.17 9.59
C PRO B 7 10.27 -0.01 9.26
N PRO B 8 9.81 -1.24 9.03
CA PRO B 8 8.41 -1.43 8.67
C PRO B 8 7.43 -0.99 9.75
N SER B 9 7.78 -1.14 11.03
CA SER B 9 6.89 -0.68 12.08
C SER B 9 7.71 -0.38 13.34
N VAL B 10 7.20 0.56 14.13
CA VAL B 10 7.68 0.80 15.48
C VAL B 10 6.44 0.88 16.36
N SER B 11 6.63 0.68 17.66
CA SER B 11 5.50 0.71 18.59
C SER B 11 5.99 1.11 19.97
N ALA B 12 5.06 1.65 20.74
CA ALA B 12 5.36 2.02 22.11
C ALA B 12 4.04 2.16 22.84
N ALA B 13 4.12 2.20 24.16
CA ALA B 13 2.98 2.47 25.00
C ALA B 13 2.61 3.96 24.95
N PRO B 14 1.37 4.30 25.27
CA PRO B 14 0.99 5.72 25.32
C PRO B 14 1.90 6.48 26.26
N GLY B 15 2.25 7.69 25.86
CA GLY B 15 3.11 8.55 26.66
C GLY B 15 4.59 8.33 26.46
N GLN B 16 4.97 7.29 25.72
CA GLN B 16 6.37 6.93 25.57
C GLN B 16 6.91 7.57 24.29
N LYS B 17 8.13 7.21 23.93
CA LYS B 17 8.83 7.82 22.81
C LYS B 17 9.15 6.76 21.77
N VAL B 18 9.01 7.10 20.50
CA VAL B 18 9.49 6.26 19.41
C VAL B 18 10.43 7.10 18.55
N THR B 19 11.32 6.42 17.85
CA THR B 19 12.13 7.01 16.80
C THR B 19 11.98 6.18 15.53
N ILE B 20 12.05 6.87 14.39
CA ILE B 20 11.94 6.26 13.08
C ILE B 20 13.16 6.71 12.26
N SER B 21 13.95 5.76 11.79
CA SER B 21 15.14 6.07 11.00
C SER B 21 14.81 6.08 9.52
N CYS B 22 15.69 6.73 8.77
CA CYS B 22 15.52 6.93 7.33
C CYS B 22 16.93 6.90 6.75
N SER B 23 17.31 5.77 6.16
CA SER B 23 18.66 5.53 5.70
C SER B 23 18.73 5.63 4.18
N GLY B 24 19.59 6.50 3.68
CA GLY B 24 19.73 6.75 2.26
C GLY B 24 21.18 6.75 1.85
N ASN B 25 21.52 7.68 0.98
CA ASN B 25 22.81 7.69 0.32
C ASN B 25 23.27 9.14 0.18
N THR B 26 24.51 9.31 -0.27
CA THR B 26 25.05 10.65 -0.44
C THR B 26 24.21 11.45 -1.42
N SER B 27 23.68 10.79 -2.46
CA SER B 27 22.94 11.50 -3.50
C SER B 27 21.63 12.07 -2.98
N ASN B 28 20.96 11.37 -2.06
CA ASN B 28 19.71 11.92 -1.55
C ASN B 28 19.89 12.60 -0.19
N ILE B 29 19.79 11.86 0.91
CA ILE B 29 19.83 12.51 2.23
C ILE B 29 21.15 13.23 2.46
N GLY B 30 22.25 12.66 2.00
CA GLY B 30 23.56 13.23 2.28
C GLY B 30 23.67 14.69 1.89
N ASN B 31 23.11 15.06 0.73
CA ASN B 31 23.25 16.39 0.18
C ASN B 31 21.98 17.22 0.26
N ASN B 32 20.89 16.72 0.82
CA ASN B 32 19.61 17.39 0.71
C ASN B 32 18.89 17.43 2.06
N PHE B 33 17.93 18.35 2.16
CA PHE B 33 17.01 18.39 3.29
C PHE B 33 16.12 17.15 3.30
N VAL B 34 15.71 16.77 4.51
CA VAL B 34 14.78 15.65 4.71
C VAL B 34 13.42 16.23 5.12
N SER B 35 12.36 15.68 4.59
CA SER B 35 11.02 16.04 5.05
C SER B 35 10.29 14.79 5.49
N TRP B 36 9.24 14.98 6.29
CA TRP B 36 8.46 13.88 6.84
C TRP B 36 6.98 14.15 6.67
N TYR B 37 6.26 13.09 6.36
CA TYR B 37 4.83 13.12 6.13
C TYR B 37 4.14 12.08 7.00
N GLN B 38 2.97 12.45 7.50
CA GLN B 38 2.12 11.56 8.29
C GLN B 38 0.89 11.20 7.47
N GLN B 39 0.56 9.90 7.42
CA GLN B 39 -0.63 9.45 6.69
C GLN B 39 -1.45 8.56 7.61
N ARG B 40 -2.56 9.11 8.08
CA ARG B 40 -3.46 8.39 8.94
C ARG B 40 -4.29 7.41 8.12
N PRO B 41 -4.77 6.33 8.74
CA PRO B 41 -5.47 5.29 7.98
C PRO B 41 -6.57 5.87 7.12
N GLY B 42 -6.53 5.54 5.83
CA GLY B 42 -7.60 5.95 4.93
C GLY B 42 -7.62 7.43 4.60
N ARG B 43 -6.55 8.17 4.87
CA ARG B 43 -6.51 9.61 4.62
C ARG B 43 -5.31 9.99 3.77
N ALA B 44 -5.34 11.21 3.25
CA ALA B 44 -4.24 11.74 2.48
C ALA B 44 -3.07 12.12 3.40
N PRO B 45 -1.84 12.09 2.90
CA PRO B 45 -0.71 12.49 3.75
C PRO B 45 -0.81 13.94 4.17
N GLN B 46 -0.07 14.25 5.23
CA GLN B 46 0.03 15.61 5.74
C GLN B 46 1.49 15.91 6.08
N LEU B 47 1.93 17.11 5.77
CA LEU B 47 3.31 17.49 6.01
C LEU B 47 3.56 17.61 7.51
N LEU B 48 4.62 16.95 7.98
CA LEU B 48 5.01 16.92 9.38
C LEU B 48 6.29 17.71 9.67
N ILE B 49 7.30 17.55 8.84
CA ILE B 49 8.62 18.16 9.03
C ILE B 49 9.14 18.56 7.65
N TYR B 50 9.76 19.74 7.56
CA TYR B 50 10.45 20.12 6.34
C TYR B 50 11.80 20.72 6.70
N GLU B 51 12.67 20.81 5.70
CA GLU B 51 14.03 21.31 5.88
C GLU B 51 14.68 20.67 7.10
N THR B 52 14.45 19.35 7.23
CA THR B 52 15.14 18.45 8.16
C THR B 52 14.59 18.54 9.59
N ASP B 53 14.38 19.75 10.12
CA ASP B 53 13.92 19.84 11.50
C ASP B 53 12.85 20.89 11.75
N LYS B 54 12.20 21.44 10.72
CA LYS B 54 11.21 22.51 10.89
C LYS B 54 9.78 21.98 10.87
N ARG B 55 8.95 22.50 11.78
CA ARG B 55 7.56 22.10 11.89
C ARG B 55 6.64 23.14 11.25
N PRO B 56 5.70 22.74 10.38
CA PRO B 56 4.60 23.65 10.02
C PRO B 56 3.78 24.05 11.24
N SER B 57 2.94 25.06 11.05
CA SER B 57 2.37 25.77 12.19
C SER B 57 1.52 24.86 13.08
N GLY B 58 0.72 23.98 12.48
CA GLY B 58 -0.14 23.18 13.34
C GLY B 58 0.50 21.99 14.05
N ILE B 59 1.80 21.74 13.91
CA ILE B 59 2.42 20.49 14.33
C ILE B 59 2.99 20.69 15.73
N PRO B 60 2.63 19.86 16.72
CA PRO B 60 3.14 20.07 18.08
C PRO B 60 4.62 19.74 18.22
N ASP B 61 5.22 20.30 19.28
CA ASP B 61 6.63 20.08 19.58
C ASP B 61 6.92 18.69 20.11
N ARG B 62 5.93 17.79 20.15
CA ARG B 62 6.20 16.38 20.38
C ARG B 62 6.90 15.72 19.21
N PHE B 63 6.84 16.34 18.02
CA PHE B 63 7.50 15.83 16.84
C PHE B 63 8.78 16.63 16.63
N SER B 64 9.88 15.92 16.36
CA SER B 64 11.16 16.55 16.08
C SER B 64 11.94 15.61 15.18
N ALA B 65 12.91 16.16 14.46
CA ALA B 65 13.67 15.38 13.50
C ALA B 65 15.04 16.01 13.33
N SER B 66 15.93 15.23 12.73
CA SER B 66 17.32 15.63 12.53
C SER B 66 17.90 14.75 11.44
N LYS B 67 19.17 15.01 11.10
CA LYS B 67 19.86 14.13 10.16
C LYS B 67 21.34 14.14 10.50
N SER B 68 22.02 13.04 10.16
CA SER B 68 23.46 12.92 10.33
C SER B 68 23.99 12.04 9.22
N GLY B 69 24.92 12.57 8.43
CA GLY B 69 25.44 11.82 7.31
C GLY B 69 24.30 11.49 6.36
N THR B 70 24.09 10.20 6.09
CA THR B 70 23.13 9.77 5.09
C THR B 70 21.85 9.22 5.71
N SER B 71 21.57 9.55 6.96
CA SER B 71 20.44 9.01 7.69
C SER B 71 19.68 10.12 8.39
N GLY B 72 18.35 10.06 8.33
CA GLY B 72 17.49 10.98 9.06
C GLY B 72 16.71 10.26 10.16
N THR B 73 16.23 10.99 11.15
CA THR B 73 15.54 10.40 12.31
C THR B 73 14.37 11.29 12.71
N LEU B 74 13.17 10.73 12.74
CA LEU B 74 12.02 11.40 13.33
C LEU B 74 11.82 10.86 14.75
N ALA B 75 11.52 11.75 15.68
CA ALA B 75 11.22 11.37 17.05
C ALA B 75 9.83 11.87 17.43
N ILE B 76 9.06 11.01 18.10
CA ILE B 76 7.74 11.35 18.62
C ILE B 76 7.75 11.07 20.11
N THR B 77 7.55 12.09 20.92
CA THR B 77 7.41 11.93 22.37
C THR B 77 5.94 12.06 22.77
N GLY B 78 5.66 11.71 24.03
CA GLY B 78 4.30 11.73 24.55
C GLY B 78 3.33 11.05 23.60
N LEU B 79 3.71 9.86 23.13
CA LEU B 79 2.94 9.21 22.09
C LEU B 79 1.49 9.04 22.51
N GLN B 80 0.56 9.39 21.63
CA GLN B 80 -0.85 9.15 21.90
C GLN B 80 -1.51 8.45 20.72
N THR B 81 -2.63 7.81 21.03
CA THR B 81 -3.31 6.96 20.06
C THR B 81 -3.56 7.68 18.75
N GLY B 82 -3.78 9.00 18.80
CA GLY B 82 -3.97 9.74 17.58
C GLY B 82 -2.74 9.83 16.68
N ASP B 83 -1.56 9.43 17.17
CA ASP B 83 -0.36 9.43 16.34
C ASP B 83 -0.20 8.16 15.52
N GLU B 84 -1.06 7.16 15.72
CA GLU B 84 -1.04 5.96 14.89
C GLU B 84 -1.27 6.30 13.43
N ALA B 85 -0.30 5.97 12.60
CA ALA B 85 -0.31 6.39 11.22
C ALA B 85 0.93 5.81 10.57
N ASP B 86 0.98 5.91 9.25
CA ASP B 86 2.18 5.61 8.51
C ASP B 86 2.96 6.91 8.33
N TYR B 87 4.27 6.82 8.51
CA TYR B 87 5.17 7.95 8.43
C TYR B 87 6.18 7.71 7.31
N TYR B 88 6.37 8.71 6.45
CA TYR B 88 7.26 8.61 5.30
C TYR B 88 8.28 9.74 5.36
N CYS B 89 9.55 9.41 5.20
CA CYS B 89 10.53 10.44 4.92
C CYS B 89 10.65 10.65 3.42
N ALA B 90 11.31 11.74 3.04
CA ALA B 90 11.42 12.06 1.62
C ALA B 90 12.56 13.05 1.40
N THR B 91 13.13 13.01 0.21
CA THR B 91 13.97 14.08 -0.27
C THR B 91 13.48 14.46 -1.66
N TRP B 92 13.79 15.70 -2.06
CA TRP B 92 13.45 16.17 -3.39
C TRP B 92 14.45 17.25 -3.76
N ALA B 93 15.09 17.08 -4.92
CA ALA B 93 15.98 18.08 -5.48
C ALA B 93 15.76 18.16 -6.99
N ALA B 94 15.94 19.35 -7.56
CA ALA B 94 15.79 19.50 -9.00
C ALA B 94 16.93 18.85 -9.77
N SER B 95 18.11 18.74 -9.14
CA SER B 95 19.31 18.34 -9.86
C SER B 95 19.15 16.98 -10.53
N LEU B 96 18.81 15.95 -9.75
CA LEU B 96 18.91 14.57 -10.21
C LEU B 96 17.67 13.80 -9.79
N SER B 97 17.19 12.94 -10.69
CA SER B 97 16.06 12.08 -10.40
C SER B 97 16.28 11.28 -9.12
N SER B 98 17.53 10.88 -8.85
CA SER B 98 17.78 10.01 -7.70
C SER B 98 17.69 10.75 -6.37
N ALA B 99 17.65 12.08 -6.36
CA ALA B 99 17.36 12.83 -5.15
C ALA B 99 15.86 12.99 -4.89
N ARG B 100 14.99 12.54 -5.80
CA ARG B 100 13.54 12.66 -5.63
C ARG B 100 13.01 11.28 -5.25
N VAL B 101 12.91 11.03 -3.94
CA VAL B 101 12.53 9.71 -3.46
C VAL B 101 11.76 9.85 -2.14
N PHE B 102 10.85 8.89 -1.90
CA PHE B 102 10.18 8.68 -0.62
C PHE B 102 10.77 7.46 0.04
N GLY B 103 10.76 7.46 1.37
CA GLY B 103 11.08 6.28 2.12
C GLY B 103 10.01 5.20 2.01
N THR B 104 10.37 4.01 2.49
CA THR B 104 9.52 2.84 2.37
C THR B 104 8.34 2.88 3.33
N GLY B 105 8.35 3.76 4.31
CA GLY B 105 7.20 3.93 5.18
C GLY B 105 7.29 3.13 6.46
N THR B 106 6.85 3.72 7.57
CA THR B 106 6.89 3.08 8.87
C THR B 106 5.53 3.24 9.54
N LYS B 107 4.93 2.13 9.95
CA LYS B 107 3.68 2.19 10.72
C LYS B 107 3.99 2.36 12.20
N VAL B 108 3.39 3.38 12.81
CA VAL B 108 3.54 3.62 14.25
C VAL B 108 2.29 3.08 14.94
N ILE B 109 2.50 2.18 15.90
CA ILE B 109 1.41 1.57 16.65
C ILE B 109 1.53 1.99 18.10
N VAL B 110 0.42 2.44 18.67
CA VAL B 110 0.35 2.76 20.10
C VAL B 110 -0.33 1.59 20.79
N LEU B 111 0.41 0.93 21.68
CA LEU B 111 0.04 -0.35 22.26
C LEU B 111 -1.00 -0.15 23.36
N VAL B 112 -2.23 -0.60 23.09
CA VAL B 112 -3.32 -0.50 24.05
C VAL B 112 -3.92 -1.86 24.38
N GLN B 113 -3.31 -2.94 23.90
CA GLN B 113 -3.72 -4.31 24.21
C GLN B 113 -2.49 -5.16 24.45
N PRO B 114 -2.64 -6.29 25.14
CA PRO B 114 -1.51 -7.21 25.29
C PRO B 114 -1.07 -7.76 23.94
N LYS B 115 0.19 -8.14 23.87
CA LYS B 115 0.67 -8.82 22.67
C LYS B 115 -0.13 -10.09 22.44
N ALA B 116 -0.38 -10.39 21.17
CA ALA B 116 -0.99 -11.65 20.78
C ALA B 116 -0.24 -12.20 19.57
N ASN B 117 0.13 -13.45 19.65
CA ASN B 117 0.97 -14.13 18.68
C ASN B 117 0.12 -14.69 17.55
N PRO B 118 0.58 -14.59 16.30
CA PRO B 118 -0.27 -14.99 15.18
C PRO B 118 -0.40 -16.50 15.05
N THR B 119 -1.58 -16.91 14.58
CA THR B 119 -1.81 -18.25 14.04
C THR B 119 -1.50 -18.20 12.55
N VAL B 120 -0.67 -19.13 12.08
CA VAL B 120 -0.24 -19.16 10.68
C VAL B 120 -0.72 -20.47 10.07
N THR B 121 -1.30 -20.39 8.88
CA THR B 121 -1.76 -21.57 8.17
C THR B 121 -1.33 -21.44 6.71
N LEU B 122 -0.65 -22.47 6.19
CA LEU B 122 -0.10 -22.44 4.84
C LEU B 122 -0.72 -23.55 4.01
N PHE B 123 -1.28 -23.18 2.82
CA PHE B 123 -1.86 -24.20 1.98
C PHE B 123 -1.09 -24.33 0.67
N PRO B 124 -0.92 -25.54 0.16
CA PRO B 124 -0.29 -25.72 -1.15
C PRO B 124 -1.28 -25.49 -2.28
N PRO B 125 -0.81 -25.46 -3.52
CA PRO B 125 -1.73 -25.37 -4.67
C PRO B 125 -2.63 -26.60 -4.72
N SER B 126 -3.89 -26.37 -5.05
CA SER B 126 -4.83 -27.46 -5.25
C SER B 126 -4.54 -28.17 -6.57
N SER B 127 -4.94 -29.44 -6.64
CA SER B 127 -4.81 -30.18 -7.89
C SER B 127 -5.61 -29.53 -9.01
N GLU B 128 -6.80 -29.03 -8.68
CA GLU B 128 -7.62 -28.35 -9.68
C GLU B 128 -6.89 -27.16 -10.28
N GLU B 129 -6.29 -26.32 -9.43
CA GLU B 129 -5.55 -25.17 -9.95
C GLU B 129 -4.39 -25.62 -10.81
N LEU B 130 -3.69 -26.67 -10.39
CA LEU B 130 -2.57 -27.16 -11.17
C LEU B 130 -3.03 -27.72 -12.52
N GLN B 131 -4.21 -28.33 -12.56
CA GLN B 131 -4.73 -28.80 -13.84
C GLN B 131 -5.05 -27.64 -14.77
N ALA B 132 -5.36 -26.48 -14.20
CA ALA B 132 -5.53 -25.26 -14.98
C ALA B 132 -4.21 -24.54 -15.27
N ASN B 133 -3.08 -25.19 -15.02
CA ASN B 133 -1.76 -24.67 -15.36
C ASN B 133 -1.40 -23.43 -14.54
N LYS B 134 -1.77 -23.43 -13.27
CA LYS B 134 -1.40 -22.35 -12.37
C LYS B 134 -1.15 -22.91 -10.98
N ALA B 135 -0.50 -22.12 -10.14
CA ALA B 135 -0.21 -22.56 -8.79
C ALA B 135 -0.16 -21.33 -7.90
N THR B 136 -0.85 -21.39 -6.76
CA THR B 136 -0.86 -20.33 -5.77
C THR B 136 -0.65 -20.95 -4.40
N LEU B 137 0.38 -20.52 -3.70
CA LEU B 137 0.54 -20.85 -2.29
C LEU B 137 -0.16 -19.78 -1.46
N VAL B 138 -0.84 -20.20 -0.39
CA VAL B 138 -1.69 -19.32 0.40
C VAL B 138 -1.25 -19.39 1.85
N CYS B 139 -0.76 -18.27 2.37
CA CYS B 139 -0.32 -18.14 3.76
C CYS B 139 -1.28 -17.19 4.50
N LEU B 140 -2.04 -17.72 5.45
CA LEU B 140 -3.06 -16.97 6.18
C LEU B 140 -2.61 -16.72 7.62
N ILE B 141 -2.73 -15.48 8.08
CA ILE B 141 -2.16 -15.05 9.37
C ILE B 141 -3.27 -14.37 10.17
N SER B 142 -3.56 -14.89 11.36
CA SER B 142 -4.70 -14.40 12.11
C SER B 142 -4.40 -14.23 13.59
N ASP B 143 -5.19 -13.36 14.22
CA ASP B 143 -5.28 -13.24 15.67
C ASP B 143 -4.02 -12.64 16.28
N PHE B 144 -3.41 -11.67 15.60
CA PHE B 144 -2.17 -11.10 16.13
C PHE B 144 -2.37 -9.66 16.56
N TYR B 145 -1.55 -9.23 17.52
CA TYR B 145 -1.48 -7.84 17.96
C TYR B 145 -0.06 -7.60 18.49
N PRO B 146 0.54 -6.45 18.16
CA PRO B 146 0.04 -5.35 17.33
C PRO B 146 -0.13 -5.74 15.86
N GLY B 147 -0.81 -4.86 15.12
CA GLY B 147 -1.18 -5.12 13.76
C GLY B 147 -0.13 -4.81 12.72
N ALA B 148 0.99 -5.52 12.78
CA ALA B 148 2.04 -5.43 11.77
C ALA B 148 2.78 -6.75 11.72
N VAL B 149 2.98 -7.27 10.51
CA VAL B 149 3.77 -8.47 10.28
C VAL B 149 4.59 -8.23 9.02
N THR B 150 5.69 -8.96 8.90
CA THR B 150 6.39 -9.08 7.63
C THR B 150 6.42 -10.56 7.28
N VAL B 151 6.35 -10.83 5.98
CA VAL B 151 6.24 -12.18 5.45
C VAL B 151 7.36 -12.37 4.43
N ALA B 152 8.06 -13.47 4.54
CA ALA B 152 9.10 -13.84 3.60
C ALA B 152 8.81 -15.25 3.14
N TRP B 153 9.16 -15.54 1.90
CA TRP B 153 8.91 -16.84 1.28
C TRP B 153 10.24 -17.44 0.88
N LYS B 154 10.33 -18.78 0.98
CA LYS B 154 11.53 -19.51 0.60
C LYS B 154 11.16 -20.72 -0.24
N ALA B 155 11.99 -20.96 -1.26
CA ALA B 155 11.93 -22.16 -2.08
C ALA B 155 13.12 -23.01 -1.67
N ASP B 156 12.85 -24.21 -1.15
CA ASP B 156 13.86 -24.92 -0.36
C ASP B 156 14.39 -23.97 0.71
N SER B 157 15.64 -23.55 0.63
CA SER B 157 16.16 -22.56 1.57
C SER B 157 16.57 -21.25 0.89
N SER B 158 16.10 -21.00 -0.32
CA SER B 158 16.47 -19.79 -1.06
C SER B 158 15.34 -18.78 -0.97
N PRO B 159 15.62 -17.50 -0.70
CA PRO B 159 14.52 -16.53 -0.66
C PRO B 159 13.92 -16.30 -2.04
N VAL B 160 12.60 -16.13 -2.04
CA VAL B 160 11.79 -15.90 -3.23
C VAL B 160 11.29 -14.46 -3.18
N LYS B 161 11.69 -13.67 -4.17
CA LYS B 161 11.24 -12.28 -4.29
C LYS B 161 10.01 -12.13 -5.17
N ALA B 162 10.04 -12.71 -6.36
CA ALA B 162 8.98 -12.50 -7.34
C ALA B 162 7.75 -13.35 -7.02
N GLY B 163 6.58 -12.81 -7.35
CA GLY B 163 5.33 -13.52 -7.23
C GLY B 163 4.61 -13.36 -5.92
N VAL B 164 5.13 -12.54 -5.00
CA VAL B 164 4.57 -12.43 -3.65
C VAL B 164 3.62 -11.25 -3.62
N GLU B 165 2.42 -11.47 -3.10
CA GLU B 165 1.48 -10.38 -2.84
C GLU B 165 0.93 -10.56 -1.43
N THR B 166 1.04 -9.50 -0.62
CA THR B 166 0.73 -9.54 0.80
C THR B 166 -0.19 -8.39 1.15
N THR B 167 -1.24 -8.67 1.92
CA THR B 167 -2.21 -7.65 2.28
C THR B 167 -1.76 -6.88 3.51
N THR B 168 -2.34 -5.69 3.66
CA THR B 168 -2.18 -4.92 4.89
C THR B 168 -3.01 -5.57 6.00
N PRO B 169 -2.53 -5.53 7.25
CA PRO B 169 -3.32 -6.10 8.35
C PRO B 169 -4.64 -5.35 8.52
N SER B 170 -5.69 -6.09 8.84
CA SER B 170 -7.03 -5.56 8.98
C SER B 170 -7.60 -6.02 10.30
N LYS B 171 -8.30 -5.13 10.99
CA LYS B 171 -8.77 -5.45 12.33
C LYS B 171 -9.90 -6.47 12.25
N GLN B 172 -9.79 -7.51 13.07
CA GLN B 172 -10.84 -8.51 13.19
C GLN B 172 -11.90 -8.05 14.19
N SER B 173 -12.98 -8.84 14.27
CA SER B 173 -14.08 -8.52 15.19
C SER B 173 -13.62 -8.49 16.64
N ASN B 174 -12.65 -9.34 17.01
CA ASN B 174 -12.14 -9.38 18.38
C ASN B 174 -11.08 -8.30 18.66
N ASN B 175 -10.87 -7.36 17.72
CA ASN B 175 -9.91 -6.27 17.85
C ASN B 175 -8.46 -6.72 17.69
N LYS B 176 -8.22 -7.97 17.31
CA LYS B 176 -6.90 -8.40 16.83
C LYS B 176 -6.87 -8.29 15.32
N TYR B 177 -5.75 -8.66 14.70
CA TYR B 177 -5.51 -8.36 13.31
C TYR B 177 -5.31 -9.64 12.50
N ALA B 178 -5.53 -9.53 11.19
CA ALA B 178 -5.37 -10.62 10.24
C ALA B 178 -4.72 -10.10 8.96
N ALA B 179 -4.02 -10.99 8.27
CA ALA B 179 -3.44 -10.67 6.97
C ALA B 179 -3.19 -11.97 6.22
N SER B 180 -2.84 -11.82 4.94
CA SER B 180 -2.59 -12.99 4.13
C SER B 180 -1.55 -12.65 3.08
N SER B 181 -0.84 -13.68 2.65
CA SER B 181 0.21 -13.55 1.66
C SER B 181 0.04 -14.67 0.65
N TYR B 182 0.24 -14.35 -0.62
CA TYR B 182 0.04 -15.26 -1.72
C TYR B 182 1.31 -15.30 -2.56
N LEU B 183 1.79 -16.50 -2.85
CA LEU B 183 2.93 -16.69 -3.75
C LEU B 183 2.43 -17.38 -5.02
N SER B 184 2.47 -16.66 -6.13
CA SER B 184 2.06 -17.20 -7.43
C SER B 184 3.26 -17.82 -8.12
N LEU B 185 3.17 -19.12 -8.40
CA LEU B 185 4.19 -19.92 -9.07
C LEU B 185 3.64 -20.53 -10.34
N THR B 186 4.54 -20.93 -11.24
CA THR B 186 4.16 -21.84 -12.30
C THR B 186 4.08 -23.26 -11.75
N PRO B 187 3.33 -24.15 -12.39
CA PRO B 187 3.40 -25.56 -11.99
C PRO B 187 4.84 -26.07 -11.95
N GLU B 188 5.68 -25.71 -12.93
CA GLU B 188 7.06 -26.19 -12.93
C GLU B 188 7.82 -25.75 -11.67
N GLN B 189 7.69 -24.48 -11.29
CA GLN B 189 8.40 -24.00 -10.11
C GLN B 189 7.94 -24.74 -8.87
N TRP B 190 6.64 -24.97 -8.73
CA TRP B 190 6.12 -25.71 -7.57
C TRP B 190 6.68 -27.12 -7.51
N LYS B 191 6.66 -27.82 -8.65
CA LYS B 191 7.00 -29.24 -8.65
C LYS B 191 8.49 -29.50 -8.65
N SER B 192 9.31 -28.49 -8.97
CA SER B 192 10.75 -28.65 -9.16
C SER B 192 11.57 -28.33 -7.91
N HIS B 193 10.92 -28.07 -6.79
CA HIS B 193 11.59 -27.83 -5.53
C HIS B 193 11.11 -28.85 -4.51
N ARG B 194 11.95 -29.11 -3.50
CA ARG B 194 11.56 -30.06 -2.46
C ARG B 194 10.52 -29.47 -1.52
N SER B 195 10.53 -28.16 -1.30
CA SER B 195 9.50 -27.54 -0.46
C SER B 195 9.48 -26.04 -0.67
N TYR B 196 8.40 -25.42 -0.18
CA TYR B 196 8.27 -23.97 -0.05
C TYR B 196 7.85 -23.64 1.38
N SER B 197 8.33 -22.50 1.89
CA SER B 197 8.01 -22.06 3.24
C SER B 197 7.52 -20.62 3.25
N CYS B 198 6.52 -20.37 4.10
CA CYS B 198 6.10 -19.02 4.45
C CYS B 198 6.69 -18.70 5.82
N GLN B 199 7.40 -17.56 5.93
CA GLN B 199 8.01 -17.14 7.20
C GLN B 199 7.38 -15.83 7.65
N VAL B 200 6.73 -15.85 8.82
CA VAL B 200 5.96 -14.72 9.33
C VAL B 200 6.70 -14.16 10.54
N THR B 201 7.07 -12.89 10.47
CA THR B 201 7.75 -12.23 11.58
C THR B 201 6.80 -11.22 12.21
N HIS B 202 6.59 -11.37 13.51
CA HIS B 202 5.72 -10.51 14.29
C HIS B 202 6.50 -10.11 15.54
N GLU B 203 6.75 -8.82 15.72
CA GLU B 203 7.49 -8.33 16.87
C GLU B 203 8.81 -9.09 17.01
N GLY B 204 9.50 -9.29 15.89
CA GLY B 204 10.83 -9.84 15.88
C GLY B 204 10.91 -11.34 16.05
N SER B 205 9.80 -12.02 16.27
CA SER B 205 9.79 -13.46 16.32
C SER B 205 9.28 -13.98 14.99
N THR B 206 10.02 -14.91 14.40
CA THR B 206 9.66 -15.52 13.12
C THR B 206 9.15 -16.93 13.36
N VAL B 207 7.98 -17.23 12.81
CA VAL B 207 7.42 -18.57 12.78
C VAL B 207 7.23 -18.96 11.31
N GLU B 208 7.31 -20.25 11.04
CA GLU B 208 7.48 -20.75 9.68
C GLU B 208 6.60 -21.98 9.46
N LYS B 209 5.97 -22.05 8.28
CA LYS B 209 5.26 -23.24 7.85
C LYS B 209 5.81 -23.66 6.50
N THR B 210 5.78 -24.96 6.23
CA THR B 210 6.35 -25.53 5.03
C THR B 210 5.38 -26.50 4.38
N VAL B 211 5.32 -26.49 3.05
CA VAL B 211 4.55 -27.47 2.28
C VAL B 211 5.44 -27.99 1.15
N ALA B 212 5.09 -29.18 0.65
CA ALA B 212 5.88 -29.88 -0.37
C ALA B 212 5.02 -30.53 -1.43
N PRO B 213 5.45 -30.51 -2.70
CA PRO B 213 4.63 -31.10 -3.77
C PRO B 213 4.28 -32.56 -3.53
N THR B 214 5.19 -33.34 -2.94
CA THR B 214 4.92 -34.74 -2.65
C THR B 214 4.15 -34.92 -1.33
N GLU B 215 3.32 -33.94 -0.99
CA GLU B 215 2.55 -33.97 0.25
C GLU B 215 3.44 -34.19 1.47
#